data_3WFL
#
_entry.id   3WFL
#
_cell.length_a   58.434
_cell.length_b   75.972
_cell.length_c   79.723
_cell.angle_alpha   90.00
_cell.angle_beta   90.00
_cell.angle_gamma   90.00
#
_symmetry.space_group_name_H-M   'P 21 21 21'
#
loop_
_entity.id
_entity.type
_entity.pdbx_description
1 polymer beta-mannanase
2 non-polymer 2-acetamido-2-deoxy-beta-D-glucopyranose
3 non-polymer 2-AMINO-2-HYDROXYMETHYL-PROPANE-1,3-DIOL
4 non-polymer GLYCEROL
5 non-polymer 'PHOSPHATE ION'
6 water water
#
_entity_poly.entity_id   1
_entity_poly.type   'polypeptide(L)'
_entity_poly.pdbx_seq_one_letter_code
;DTFPGTNGLDFTIDGTAGYFAGSNAYWLAFLTNNDDVDKVLGDAESSGLRIMRVWGFNDVNTVPSSGTVYFQLLQDGTAT
INTGSDGLERLDYVVSSAEQHNVKLIINFVNNWSDYGGIPAYVNAFGGSTTSWYTDEASQAAYRNYIKTVVSRYIDSPAV
FAWELANEPRCHGCDTSVIYNWVAATSSFIKSIDSQHLVCIGDEGLGLDIDSDGSYPYSYYEGTNFTLNLGVDTIDFGTF
HLYPSSWGVSNSFGSPWVTAHGAACAAAGKPCLFEEYGVTSDKCSVEGGWQQTALDTRGIGADSFWQFGDTLSTGQSPND
GYTIYYGTDDYTCLVTDRVASI
;
_entity_poly.pdbx_strand_id   A
#
# COMPACT_ATOMS: atom_id res chain seq x y z
N THR A 2 4.93 20.26 7.86
CA THR A 2 3.57 20.09 7.33
C THR A 2 3.51 18.62 6.86
N PHE A 3 2.48 17.88 7.28
CA PHE A 3 2.43 16.48 6.82
C PHE A 3 1.96 16.44 5.37
N PRO A 4 2.23 15.33 4.68
CA PRO A 4 1.65 15.15 3.33
C PRO A 4 0.16 15.23 3.41
N GLY A 5 -0.41 15.76 2.34
CA GLY A 5 -1.81 16.03 2.27
C GLY A 5 -2.37 15.92 0.85
N THR A 6 -3.59 16.48 0.71
CA THR A 6 -4.26 16.60 -0.56
C THR A 6 -4.75 18.04 -0.76
N ASN A 7 -4.89 18.41 -2.02
CA ASN A 7 -5.46 19.74 -2.39
C ASN A 7 -6.16 19.42 -3.73
N GLY A 8 -7.49 19.29 -3.63
CA GLY A 8 -8.24 18.92 -4.80
C GLY A 8 -7.77 17.55 -5.28
N LEU A 9 -7.45 17.44 -6.56
CA LEU A 9 -7.02 16.16 -7.08
C LEU A 9 -5.54 15.95 -6.93
N ASP A 10 -4.80 16.86 -6.32
CA ASP A 10 -3.34 16.69 -6.16
C ASP A 10 -2.97 16.23 -4.79
N PHE A 11 -1.90 15.45 -4.70
CA PHE A 11 -1.22 15.28 -3.46
C PHE A 11 -0.31 16.46 -3.15
N THR A 12 -0.01 16.69 -1.88
CA THR A 12 0.95 17.67 -1.43
C THR A 12 1.95 17.01 -0.52
N ILE A 13 3.19 17.50 -0.57
CA ILE A 13 4.19 17.16 0.41
C ILE A 13 4.76 18.47 0.93
N ASP A 14 4.91 18.59 2.21
CA ASP A 14 5.35 19.86 2.85
C ASP A 14 4.56 21.02 2.32
N GLY A 15 3.26 20.88 2.08
CA GLY A 15 2.43 21.94 1.60
C GLY A 15 2.53 22.32 0.21
N THR A 16 3.28 21.62 -0.63
CA THR A 16 3.48 21.92 -2.02
C THR A 16 2.89 20.78 -2.90
N ALA A 17 2.05 21.13 -3.81
CA ALA A 17 1.47 20.15 -4.77
C ALA A 17 2.49 19.76 -5.73
N GLY A 18 2.40 18.48 -6.18
CA GLY A 18 3.20 17.96 -7.26
C GLY A 18 2.78 16.58 -7.58
N TYR A 19 3.21 16.12 -8.75
CA TYR A 19 3.02 14.68 -9.10
C TYR A 19 4.19 13.98 -8.49
N PHE A 20 3.95 12.86 -7.76
CA PHE A 20 5.01 12.13 -7.09
C PHE A 20 5.12 10.71 -7.54
N ALA A 21 6.36 10.31 -7.75
CA ALA A 21 6.68 8.95 -8.05
C ALA A 21 7.17 8.26 -6.83
N GLY A 22 6.77 7.04 -6.60
CA GLY A 22 7.20 6.22 -5.48
C GLY A 22 7.47 4.77 -5.88
N SER A 23 7.64 3.93 -4.83
CA SER A 23 7.77 2.55 -5.07
C SER A 23 7.21 1.76 -3.89
N ASN A 24 7.29 0.44 -3.98
CA ASN A 24 6.95 -0.47 -2.88
C ASN A 24 8.17 -1.19 -2.46
N ALA A 25 8.38 -1.30 -1.17
CA ALA A 25 9.44 -2.12 -0.59
C ALA A 25 8.85 -2.80 0.65
N TYR A 26 8.04 -3.82 0.45
CA TYR A 26 7.20 -4.37 1.50
C TYR A 26 8.00 -4.82 2.70
N TRP A 27 9.22 -5.21 2.43
CA TRP A 27 10.14 -5.85 3.29
C TRP A 27 11.01 -4.90 4.09
N LEU A 28 10.86 -3.60 3.92
CA LEU A 28 11.82 -2.67 4.51
C LEU A 28 11.92 -2.74 6.00
N ALA A 29 10.78 -2.87 6.69
CA ALA A 29 10.74 -2.97 8.14
C ALA A 29 10.89 -4.38 8.61
N PHE A 30 11.22 -5.35 7.74
CA PHE A 30 11.53 -6.73 8.14
C PHE A 30 13.01 -6.96 8.14
N LEU A 31 13.80 -5.98 7.65
CA LEU A 31 15.28 -6.10 7.72
C LEU A 31 15.68 -5.91 9.14
N THR A 32 16.83 -6.48 9.48
CA THR A 32 17.36 -6.26 10.80
C THR A 32 18.67 -5.47 10.77
N ASN A 33 19.08 -4.87 9.69
CA ASN A 33 20.34 -4.12 9.54
C ASN A 33 19.96 -2.72 9.15
N ASN A 34 20.29 -1.80 10.04
CA ASN A 34 19.99 -0.40 9.81
C ASN A 34 20.67 0.18 8.63
N ASP A 35 21.93 -0.23 8.39
CA ASP A 35 22.63 0.29 7.22
C ASP A 35 21.88 -0.06 5.90
N ASP A 36 21.24 -1.24 5.86
CA ASP A 36 20.55 -1.64 4.69
C ASP A 36 19.28 -0.82 4.50
N VAL A 37 18.59 -0.50 5.60
CA VAL A 37 17.41 0.39 5.55
C VAL A 37 17.85 1.74 4.96
N ASP A 38 18.93 2.27 5.49
CA ASP A 38 19.44 3.55 5.04
C ASP A 38 19.86 3.53 3.60
N LYS A 39 20.48 2.45 3.16
CA LYS A 39 20.87 2.33 1.75
C LYS A 39 19.66 2.36 0.85
N VAL A 40 18.62 1.59 1.16
CA VAL A 40 17.45 1.57 0.35
C VAL A 40 16.80 2.94 0.29
N LEU A 41 16.61 3.57 1.43
CA LEU A 41 15.95 4.85 1.41
C LEU A 41 16.83 5.92 0.80
N GLY A 42 18.11 5.86 0.95
CA GLY A 42 18.99 6.84 0.26
C GLY A 42 19.04 6.67 -1.22
N ASP A 43 19.00 5.39 -1.71
CA ASP A 43 18.93 5.08 -3.09
C ASP A 43 17.59 5.58 -3.66
N ALA A 44 16.47 5.32 -2.99
CA ALA A 44 15.18 5.87 -3.38
C ALA A 44 15.21 7.38 -3.46
N GLU A 45 15.78 8.04 -2.44
CA GLU A 45 15.85 9.48 -2.42
C GLU A 45 16.68 10.02 -3.56
N SER A 46 17.88 9.50 -3.76
CA SER A 46 18.71 10.03 -4.83
C SER A 46 18.12 9.81 -6.19
N SER A 47 17.30 8.77 -6.38
CA SER A 47 16.62 8.48 -7.64
C SER A 47 15.40 9.26 -7.83
N GLY A 48 14.92 9.98 -6.82
CA GLY A 48 13.71 10.84 -6.97
C GLY A 48 12.41 10.21 -6.57
N LEU A 49 12.47 9.09 -5.86
CA LEU A 49 11.26 8.45 -5.33
C LEU A 49 10.87 9.14 -4.04
N ARG A 50 9.72 9.78 -4.01
CA ARG A 50 9.31 10.59 -2.89
C ARG A 50 8.50 9.81 -1.87
N ILE A 51 7.92 8.66 -2.30
CA ILE A 51 6.99 7.87 -1.50
C ILE A 51 7.48 6.43 -1.53
N MET A 52 7.49 5.75 -0.39
CA MET A 52 7.76 4.30 -0.35
C MET A 52 6.71 3.65 0.45
N ARG A 53 6.07 2.60 -0.10
CA ARG A 53 5.01 1.86 0.58
C ARG A 53 5.64 0.61 1.18
N VAL A 54 5.39 0.40 2.44
CA VAL A 54 5.98 -0.70 3.17
C VAL A 54 4.88 -1.43 3.93
N TRP A 55 5.11 -2.71 4.22
CA TRP A 55 4.15 -3.40 5.12
C TRP A 55 4.36 -2.91 6.53
N GLY A 56 3.22 -2.52 7.16
CA GLY A 56 3.15 -2.18 8.56
C GLY A 56 2.62 -3.27 9.42
N PHE A 57 2.58 -4.49 8.92
CA PHE A 57 2.09 -5.66 9.55
C PHE A 57 3.12 -6.78 9.39
N ASN A 58 3.06 -7.77 10.28
CA ASN A 58 3.83 -9.02 10.18
C ASN A 58 3.21 -9.91 11.25
N ASP A 59 2.15 -10.63 10.85
CA ASP A 59 1.37 -11.46 11.75
C ASP A 59 1.79 -12.88 11.66
N VAL A 60 1.99 -13.52 12.83
CA VAL A 60 2.37 -14.90 12.89
C VAL A 60 1.41 -15.66 13.85
N ASN A 61 1.26 -16.92 13.54
CA ASN A 61 0.49 -17.81 14.41
C ASN A 61 1.35 -18.59 15.40
N THR A 62 2.67 -18.62 15.21
CA THR A 62 3.58 -19.13 16.17
C THR A 62 4.82 -18.23 16.12
N VAL A 63 5.56 -18.18 17.21
CA VAL A 63 6.71 -17.31 17.31
C VAL A 63 7.80 -17.85 16.38
N PRO A 64 8.33 -16.99 15.52
CA PRO A 64 9.34 -17.39 14.56
C PRO A 64 10.68 -17.56 15.22
N SER A 65 11.63 -18.06 14.39
CA SER A 65 13.01 -18.21 14.81
C SER A 65 13.59 -16.93 15.34
N SER A 66 14.49 -17.04 16.29
CA SER A 66 15.26 -15.94 16.77
C SER A 66 15.97 -15.21 15.66
N GLY A 67 15.80 -13.87 15.65
CA GLY A 67 16.33 -13.06 14.55
C GLY A 67 15.34 -12.65 13.43
N THR A 68 14.18 -13.31 13.50
CA THR A 68 13.20 -13.10 12.46
C THR A 68 12.22 -12.08 12.98
N VAL A 69 11.96 -11.04 12.20
CA VAL A 69 11.06 -9.98 12.60
C VAL A 69 9.65 -10.45 12.52
N TYR A 70 8.86 -10.04 13.55
CA TYR A 70 7.41 -10.17 13.54
C TYR A 70 6.81 -9.07 14.38
N PHE A 71 5.61 -8.61 14.02
CA PHE A 71 4.97 -7.50 14.72
C PHE A 71 3.81 -7.96 15.63
N GLN A 72 3.21 -9.09 15.38
CA GLN A 72 2.05 -9.54 16.18
C GLN A 72 1.94 -11.04 16.15
N LEU A 73 1.81 -11.66 17.32
CA LEU A 73 1.50 -13.06 17.43
C LEU A 73 0.01 -13.15 17.64
N LEU A 74 -0.61 -13.93 16.81
CA LEU A 74 -2.08 -14.24 16.85
C LEU A 74 -2.20 -15.75 17.12
N GLN A 75 -2.58 -16.13 18.35
CA GLN A 75 -2.51 -17.56 18.73
C GLN A 75 -3.62 -17.87 19.71
N ASP A 76 -4.42 -18.84 19.32
CA ASP A 76 -5.40 -19.39 20.26
C ASP A 76 -6.23 -18.30 20.91
N GLY A 77 -6.76 -17.40 20.09
CA GLY A 77 -7.70 -16.38 20.57
C GLY A 77 -7.10 -15.18 21.25
N THR A 78 -5.77 -15.03 21.18
CA THR A 78 -5.08 -13.91 21.81
C THR A 78 -4.08 -13.20 20.90
N ALA A 79 -4.04 -11.92 20.92
CA ALA A 79 -3.08 -11.15 20.17
C ALA A 79 -2.03 -10.66 21.15
N THR A 80 -0.78 -10.74 20.76
CA THR A 80 0.38 -10.21 21.51
C THR A 80 1.24 -9.41 20.51
N ILE A 81 1.25 -8.12 20.72
CA ILE A 81 2.04 -7.24 19.78
C ILE A 81 3.49 -7.23 20.26
N ASN A 82 4.41 -7.32 19.28
CA ASN A 82 5.85 -7.32 19.52
C ASN A 82 6.40 -5.93 19.30
N THR A 83 6.68 -5.21 20.39
CA THR A 83 7.27 -3.86 20.28
C THR A 83 8.75 -3.91 20.54
N GLY A 84 9.40 -5.05 20.55
CA GLY A 84 10.84 -5.14 20.79
C GLY A 84 11.75 -4.96 19.63
N SER A 85 13.02 -5.35 19.78
CA SER A 85 14.01 -5.00 18.80
C SER A 85 13.80 -5.76 17.54
N ASP A 86 13.14 -6.96 17.56
CA ASP A 86 12.83 -7.61 16.31
C ASP A 86 11.37 -7.58 16.05
N GLY A 87 10.73 -6.56 16.61
CA GLY A 87 9.35 -6.25 16.34
C GLY A 87 9.19 -4.84 15.78
N LEU A 88 8.26 -4.05 16.32
CA LEU A 88 7.94 -2.74 15.79
C LEU A 88 9.07 -1.72 15.91
N GLU A 89 10.11 -1.99 16.70
CA GLU A 89 11.26 -1.11 16.67
C GLU A 89 11.92 -1.12 15.28
N ARG A 90 11.71 -2.19 14.49
CA ARG A 90 12.27 -2.13 13.09
C ARG A 90 11.48 -1.11 12.28
N LEU A 91 10.16 -1.07 12.42
CA LEU A 91 9.36 -0.03 11.75
C LEU A 91 9.75 1.34 12.27
N ASP A 92 10.10 1.47 13.56
CA ASP A 92 10.53 2.77 14.07
C ASP A 92 11.73 3.23 13.31
N TYR A 93 12.73 2.33 13.07
CA TYR A 93 13.94 2.74 12.36
C TYR A 93 13.61 3.16 10.94
N VAL A 94 12.72 2.41 10.29
CA VAL A 94 12.30 2.83 8.94
C VAL A 94 11.69 4.22 8.90
N VAL A 95 10.82 4.55 9.84
CA VAL A 95 10.22 5.91 9.88
C VAL A 95 11.33 6.92 10.14
N SER A 96 12.22 6.68 11.10
CA SER A 96 13.33 7.61 11.34
C SER A 96 14.19 7.80 10.13
N SER A 97 14.50 6.70 9.45
CA SER A 97 15.29 6.78 8.25
C SER A 97 14.58 7.48 7.16
N ALA A 98 13.28 7.26 7.01
CA ALA A 98 12.49 8.02 6.00
C ALA A 98 12.57 9.52 6.29
N GLU A 99 12.48 9.93 7.52
CA GLU A 99 12.58 11.36 7.91
C GLU A 99 13.97 11.85 7.52
N GLN A 100 15.01 11.09 7.64
CA GLN A 100 16.33 11.52 7.25
C GLN A 100 16.61 11.49 5.82
N HIS A 101 15.81 10.79 5.00
CA HIS A 101 15.99 10.68 3.63
C HIS A 101 14.95 11.27 2.74
N ASN A 102 14.14 12.17 3.27
CA ASN A 102 13.12 12.86 2.49
C ASN A 102 12.20 11.93 1.75
N VAL A 103 11.84 10.85 2.45
CA VAL A 103 10.90 9.82 1.88
C VAL A 103 9.66 9.79 2.73
N LYS A 104 8.50 9.73 2.11
CA LYS A 104 7.26 9.62 2.85
C LYS A 104 6.72 8.18 2.71
N LEU A 105 6.25 7.61 3.82
CA LEU A 105 5.87 6.22 3.87
C LEU A 105 4.36 5.99 3.84
N ILE A 106 3.93 5.03 3.03
CA ILE A 106 2.61 4.46 3.21
C ILE A 106 2.73 3.20 4.04
N ILE A 107 2.02 3.14 5.18
CA ILE A 107 2.14 2.08 6.19
C ILE A 107 0.74 1.45 6.33
N ASN A 108 0.63 0.15 6.01
CA ASN A 108 -0.63 -0.55 6.13
C ASN A 108 -0.64 -1.59 7.25
N PHE A 109 -1.87 -2.03 7.61
CA PHE A 109 -2.02 -2.70 8.89
C PHE A 109 -2.39 -4.15 8.86
N VAL A 110 -2.72 -4.71 7.71
CA VAL A 110 -2.99 -6.18 7.55
C VAL A 110 -2.89 -6.52 6.11
N ASN A 111 -2.55 -7.78 5.79
CA ASN A 111 -2.63 -8.31 4.49
C ASN A 111 -3.96 -8.97 4.20
N ASN A 112 -4.53 -8.85 2.99
CA ASN A 112 -5.57 -9.75 2.54
C ASN A 112 -5.03 -11.13 2.48
N TRP A 113 -3.81 -11.25 1.97
CA TRP A 113 -3.26 -12.55 1.64
C TRP A 113 -2.57 -13.21 2.82
N SER A 114 -2.24 -14.50 2.66
CA SER A 114 -1.59 -15.20 3.77
C SER A 114 -0.11 -14.83 4.00
N ASP A 115 0.53 -14.09 3.06
CA ASP A 115 1.90 -13.72 3.23
C ASP A 115 2.02 -12.80 4.43
N TYR A 116 2.93 -13.09 5.37
CA TYR A 116 3.09 -12.29 6.55
C TYR A 116 1.76 -12.27 7.38
N GLY A 117 1.07 -13.42 7.32
CA GLY A 117 -0.07 -13.74 8.19
C GLY A 117 -1.40 -13.40 7.52
N GLY A 118 -1.69 -12.12 7.53
CA GLY A 118 -2.86 -11.60 6.91
C GLY A 118 -4.16 -12.00 7.58
N ILE A 119 -5.26 -11.72 6.91
CA ILE A 119 -6.59 -12.14 7.30
C ILE A 119 -6.57 -13.65 7.62
N PRO A 120 -5.86 -14.51 6.86
CA PRO A 120 -5.83 -15.96 7.23
C PRO A 120 -5.26 -16.19 8.60
N ALA A 121 -4.27 -15.43 9.04
CA ALA A 121 -3.67 -15.63 10.37
C ALA A 121 -4.66 -15.18 11.43
N TYR A 122 -5.46 -14.13 11.23
CA TYR A 122 -6.52 -13.79 12.16
C TYR A 122 -7.57 -14.90 12.22
N VAL A 123 -7.94 -15.46 11.07
CA VAL A 123 -8.92 -16.60 11.06
C VAL A 123 -8.39 -17.74 11.87
N ASN A 124 -7.10 -18.08 11.73
CA ASN A 124 -6.54 -19.19 12.50
C ASN A 124 -6.62 -18.95 13.93
N ALA A 125 -6.38 -17.71 14.39
CA ALA A 125 -6.36 -17.37 15.80
C ALA A 125 -7.75 -17.20 16.41
N PHE A 126 -8.66 -16.61 15.64
CA PHE A 126 -9.94 -16.09 16.22
C PHE A 126 -11.17 -16.82 15.67
N GLY A 127 -11.03 -17.62 14.63
CA GLY A 127 -12.14 -18.33 14.03
C GLY A 127 -12.69 -17.59 12.84
N GLY A 128 -13.76 -18.10 12.31
CA GLY A 128 -14.39 -17.49 11.18
C GLY A 128 -13.78 -17.84 9.85
N SER A 129 -13.92 -16.89 8.93
CA SER A 129 -13.45 -17.07 7.57
C SER A 129 -12.86 -15.75 7.01
N THR A 130 -12.26 -15.89 5.84
CA THR A 130 -11.65 -14.68 5.21
C THR A 130 -12.70 -13.67 4.83
N THR A 131 -13.97 -14.01 4.76
CA THR A 131 -15.06 -13.05 4.50
C THR A 131 -15.75 -12.59 5.74
N SER A 132 -15.91 -13.49 6.72
CA SER A 132 -16.45 -13.03 7.96
C SER A 132 -15.60 -12.14 8.77
N TRP A 133 -14.28 -12.15 8.52
CA TRP A 133 -13.29 -11.37 9.26
C TRP A 133 -13.73 -9.93 9.47
N TYR A 134 -14.23 -9.31 8.40
CA TYR A 134 -14.64 -7.90 8.45
C TYR A 134 -15.62 -7.54 9.54
N THR A 135 -16.44 -8.50 9.91
CA THR A 135 -17.51 -8.23 10.88
C THR A 135 -17.37 -9.10 12.11
N ASP A 136 -16.31 -9.92 12.25
CA ASP A 136 -16.07 -10.75 13.41
C ASP A 136 -15.50 -9.94 14.52
N GLU A 137 -16.13 -9.98 15.72
CA GLU A 137 -15.68 -9.16 16.85
C GLU A 137 -14.30 -9.40 17.32
N ALA A 138 -13.87 -10.65 17.40
CA ALA A 138 -12.53 -10.93 17.95
C ALA A 138 -11.41 -10.46 16.99
N SER A 139 -11.67 -10.67 15.72
CA SER A 139 -10.69 -10.24 14.76
C SER A 139 -10.62 -8.77 14.74
N GLN A 140 -11.80 -8.14 14.64
CA GLN A 140 -11.77 -6.65 14.44
C GLN A 140 -11.19 -5.91 15.67
N ALA A 141 -11.48 -6.45 16.87
CA ALA A 141 -10.88 -5.89 18.06
C ALA A 141 -9.38 -5.96 18.03
N ALA A 142 -8.81 -7.10 17.68
CA ALA A 142 -7.39 -7.24 17.57
C ALA A 142 -6.85 -6.32 16.51
N TYR A 143 -7.49 -6.30 15.33
CA TYR A 143 -7.04 -5.45 14.23
C TYR A 143 -6.98 -4.01 14.67
N ARG A 144 -8.08 -3.50 15.26
CA ARG A 144 -8.10 -2.11 15.72
C ARG A 144 -7.08 -1.83 16.78
N ASN A 145 -6.87 -2.74 17.72
CA ASN A 145 -5.86 -2.51 18.71
C ASN A 145 -4.47 -2.43 18.10
N TYR A 146 -4.27 -3.22 17.04
CA TYR A 146 -2.99 -3.22 16.33
C TYR A 146 -2.83 -1.90 15.61
N ILE A 147 -3.86 -1.45 14.90
CA ILE A 147 -3.86 -0.13 14.29
C ILE A 147 -3.50 0.98 15.28
N LYS A 148 -4.16 1.03 16.45
CA LYS A 148 -3.93 2.07 17.38
C LYS A 148 -2.50 2.03 17.91
N THR A 149 -1.95 0.84 18.09
CA THR A 149 -0.60 0.60 18.55
C THR A 149 0.39 1.19 17.54
N VAL A 150 0.20 0.94 16.24
CA VAL A 150 1.13 1.43 15.27
C VAL A 150 0.96 2.92 15.01
N VAL A 151 -0.26 3.38 14.80
CA VAL A 151 -0.51 4.83 14.58
C VAL A 151 0.11 5.66 15.70
N SER A 152 -0.04 5.18 16.94
CA SER A 152 0.45 5.98 18.07
C SER A 152 1.94 6.12 18.11
N ARG A 153 2.70 5.28 17.40
CA ARG A 153 4.12 5.36 17.36
C ARG A 153 4.59 6.55 16.56
N TYR A 154 3.86 6.90 15.48
CA TYR A 154 4.31 7.89 14.50
C TYR A 154 3.31 9.01 14.29
N ILE A 155 2.45 9.26 15.27
CA ILE A 155 1.40 10.22 15.15
C ILE A 155 1.96 11.58 14.84
N ASP A 156 3.15 11.95 15.28
CA ASP A 156 3.66 13.24 15.05
C ASP A 156 4.70 13.30 13.93
N SER A 157 4.88 12.18 13.15
CA SER A 157 5.94 12.17 12.15
C SER A 157 5.53 12.74 10.83
N PRO A 158 6.29 13.66 10.27
CA PRO A 158 5.99 14.18 8.95
C PRO A 158 6.45 13.22 7.84
N ALA A 159 7.02 12.07 8.19
CA ALA A 159 7.48 11.10 7.21
C ALA A 159 6.42 10.07 6.89
N VAL A 160 5.27 10.11 7.54
CA VAL A 160 4.14 9.28 7.17
C VAL A 160 3.35 9.93 6.08
N PHE A 161 3.32 9.34 4.89
CA PHE A 161 2.43 9.77 3.82
C PHE A 161 0.98 9.52 4.15
N ALA A 162 0.69 8.26 4.51
CA ALA A 162 -0.67 7.84 4.78
C ALA A 162 -0.69 6.58 5.60
N TRP A 163 -1.74 6.46 6.42
CA TRP A 163 -2.11 5.21 7.00
C TRP A 163 -3.01 4.49 6.06
N GLU A 164 -2.76 3.20 5.83
CA GLU A 164 -3.51 2.42 4.85
C GLU A 164 -4.15 1.24 5.52
N LEU A 165 -5.46 1.02 5.31
CA LEU A 165 -6.17 0.00 6.08
C LEU A 165 -5.57 -1.39 5.88
N ALA A 166 -5.27 -1.75 4.63
CA ALA A 166 -4.85 -3.15 4.37
C ALA A 166 -4.15 -3.21 3.05
N ASN A 167 -3.49 -4.31 2.76
CA ASN A 167 -3.02 -4.61 1.41
C ASN A 167 -4.02 -5.47 0.68
N GLU A 168 -4.64 -4.88 -0.36
CA GLU A 168 -5.53 -5.59 -1.31
C GLU A 168 -6.70 -6.31 -0.65
N PRO A 169 -7.36 -5.61 0.30
CA PRO A 169 -8.59 -6.25 0.90
C PRO A 169 -9.59 -6.63 -0.13
N ARG A 170 -10.08 -7.87 0.00
CA ARG A 170 -11.18 -8.41 -0.76
C ARG A 170 -12.17 -9.10 0.16
N CYS A 171 -13.39 -9.30 -0.38
CA CYS A 171 -14.39 -10.04 0.33
C CYS A 171 -15.12 -10.77 -0.77
N HIS A 172 -14.62 -11.95 -1.14
CA HIS A 172 -15.12 -12.60 -2.35
C HIS A 172 -16.58 -12.98 -2.22
N GLY A 173 -17.38 -12.56 -3.19
CA GLY A 173 -18.75 -12.82 -3.11
C GLY A 173 -19.55 -12.05 -2.08
N CYS A 174 -18.95 -11.18 -1.34
CA CYS A 174 -19.63 -10.43 -0.39
C CYS A 174 -20.37 -9.24 -0.96
N ASP A 175 -21.52 -8.92 -0.35
CA ASP A 175 -22.16 -7.67 -0.66
C ASP A 175 -21.13 -6.57 -0.51
N THR A 176 -21.13 -5.57 -1.42
CA THR A 176 -20.12 -4.51 -1.38
C THR A 176 -20.25 -3.71 -0.10
N SER A 177 -21.42 -3.73 0.58
CA SER A 177 -21.54 -3.03 1.85
C SER A 177 -20.67 -3.56 2.94
N VAL A 178 -20.19 -4.79 2.87
CA VAL A 178 -19.33 -5.33 3.91
C VAL A 178 -18.04 -4.51 3.99
N ILE A 179 -17.31 -4.47 2.88
CA ILE A 179 -16.11 -3.65 2.86
C ILE A 179 -16.43 -2.18 3.09
N TYR A 180 -17.50 -1.65 2.50
CA TYR A 180 -17.79 -0.22 2.63
C TYR A 180 -17.95 0.13 4.12
N ASN A 181 -18.74 -0.65 4.88
CA ASN A 181 -18.96 -0.28 6.27
C ASN A 181 -17.66 -0.40 7.03
N TRP A 182 -16.84 -1.40 6.67
CA TRP A 182 -15.54 -1.63 7.33
C TRP A 182 -14.59 -0.50 7.05
N VAL A 183 -14.57 0.00 5.81
CA VAL A 183 -13.75 1.15 5.43
C VAL A 183 -14.17 2.37 6.25
N ALA A 184 -15.49 2.61 6.31
CA ALA A 184 -15.96 3.77 7.01
C ALA A 184 -15.60 3.69 8.53
N ALA A 185 -15.88 2.56 9.15
CA ALA A 185 -15.67 2.39 10.53
C ALA A 185 -14.18 2.47 10.84
N THR A 186 -13.34 1.76 10.05
CA THR A 186 -11.94 1.70 10.37
C THR A 186 -11.23 3.02 10.15
N SER A 187 -11.53 3.66 9.02
CA SER A 187 -10.98 4.97 8.75
C SER A 187 -11.42 6.02 9.73
N SER A 188 -12.69 5.97 10.18
CA SER A 188 -13.12 6.90 11.23
C SER A 188 -12.37 6.65 12.51
N PHE A 189 -12.17 5.39 12.81
CA PHE A 189 -11.36 5.00 14.02
C PHE A 189 -10.01 5.67 13.93
N ILE A 190 -9.29 5.50 12.78
CA ILE A 190 -7.96 6.09 12.64
C ILE A 190 -8.02 7.57 12.82
N LYS A 191 -8.94 8.28 12.16
CA LYS A 191 -9.02 9.72 12.25
C LYS A 191 -9.37 10.17 13.71
N SER A 192 -10.03 9.32 14.46
CA SER A 192 -10.25 9.63 15.90
C SER A 192 -9.00 9.62 16.66
N ILE A 193 -7.96 8.89 16.29
CA ILE A 193 -6.70 8.81 16.95
C ILE A 193 -5.76 9.86 16.45
N ASP A 194 -5.77 10.02 15.11
CA ASP A 194 -4.82 10.89 14.38
C ASP A 194 -5.67 11.61 13.35
N SER A 195 -5.95 12.90 13.64
CA SER A 195 -6.76 13.69 12.73
C SER A 195 -6.02 14.27 11.55
N GLN A 196 -4.69 14.10 11.49
CA GLN A 196 -3.85 14.90 10.64
C GLN A 196 -3.21 14.15 9.47
N HIS A 197 -2.98 12.86 9.56
CA HIS A 197 -2.38 12.16 8.40
C HIS A 197 -3.49 11.69 7.47
N LEU A 198 -3.10 11.54 6.23
CA LEU A 198 -3.95 10.93 5.23
C LEU A 198 -4.28 9.51 5.58
N VAL A 199 -5.44 9.04 5.15
CA VAL A 199 -5.86 7.66 5.28
C VAL A 199 -6.38 7.20 3.92
N CYS A 200 -6.02 5.95 3.57
CA CYS A 200 -6.48 5.30 2.35
C CYS A 200 -6.73 3.83 2.62
N ILE A 201 -7.30 3.15 1.61
CA ILE A 201 -7.78 1.78 1.78
C ILE A 201 -6.72 0.77 1.50
N GLY A 202 -6.06 0.84 0.30
CA GLY A 202 -5.09 -0.14 -0.10
C GLY A 202 -5.63 -1.22 -1.05
N ASP A 203 -6.87 -1.10 -1.46
CA ASP A 203 -7.46 -2.02 -2.39
C ASP A 203 -6.86 -1.87 -3.77
N GLU A 204 -7.16 -2.89 -4.58
CA GLU A 204 -6.71 -3.04 -5.98
C GLU A 204 -7.51 -2.21 -6.98
N GLY A 205 -8.60 -1.60 -6.54
CA GLY A 205 -9.47 -0.83 -7.39
C GLY A 205 -10.54 -1.60 -8.09
N LEU A 206 -10.76 -2.82 -7.69
CA LEU A 206 -11.79 -3.67 -8.38
C LEU A 206 -13.15 -3.13 -8.07
N GLY A 207 -14.06 -3.29 -9.04
CA GLY A 207 -15.44 -2.88 -8.88
C GLY A 207 -15.66 -1.47 -9.28
N LEU A 208 -15.94 -1.25 -10.56
CA LEU A 208 -15.98 0.08 -11.16
C LEU A 208 -16.88 0.09 -12.41
N ASP A 209 -17.89 0.99 -12.38
CA ASP A 209 -18.74 1.04 -13.57
C ASP A 209 -18.18 2.05 -14.57
N ILE A 210 -17.49 3.07 -14.08
CA ILE A 210 -17.05 4.16 -14.95
C ILE A 210 -16.01 3.63 -15.89
N ASP A 211 -16.24 3.84 -17.21
CA ASP A 211 -15.35 3.46 -18.25
C ASP A 211 -15.05 1.95 -18.28
N SER A 212 -15.96 1.12 -17.78
CA SER A 212 -15.69 -0.30 -17.81
C SER A 212 -15.57 -0.85 -19.23
N ASP A 213 -14.70 -1.81 -19.43
CA ASP A 213 -14.54 -2.58 -20.66
C ASP A 213 -15.22 -3.90 -20.62
N GLY A 214 -15.97 -4.14 -19.52
CA GLY A 214 -16.67 -5.40 -19.36
C GLY A 214 -15.92 -6.54 -18.75
N SER A 215 -14.64 -6.35 -18.56
CA SER A 215 -13.81 -7.45 -18.02
C SER A 215 -14.01 -7.56 -16.51
N TYR A 216 -13.59 -8.73 -15.99
CA TYR A 216 -13.85 -9.08 -14.61
C TYR A 216 -13.31 -8.09 -13.50
N PRO A 217 -12.14 -7.47 -13.76
CA PRO A 217 -11.71 -6.50 -12.75
C PRO A 217 -12.66 -5.40 -12.42
N TYR A 218 -13.53 -5.03 -13.39
CA TYR A 218 -14.53 -3.99 -13.18
C TYR A 218 -15.76 -4.54 -12.42
N SER A 219 -15.90 -5.82 -12.30
CA SER A 219 -17.03 -6.38 -11.56
C SER A 219 -16.89 -6.21 -10.06
N TYR A 220 -18.02 -6.44 -9.38
CA TYR A 220 -18.10 -6.21 -7.93
C TYR A 220 -18.04 -7.50 -7.09
N TYR A 221 -17.64 -8.61 -7.69
CA TYR A 221 -17.66 -9.86 -6.97
C TYR A 221 -16.46 -10.15 -6.07
N GLU A 222 -15.50 -9.24 -6.00
CA GLU A 222 -14.44 -9.34 -5.03
C GLU A 222 -14.77 -8.45 -3.84
N GLY A 223 -16.03 -7.94 -3.72
CA GLY A 223 -16.45 -7.28 -2.51
C GLY A 223 -16.20 -5.79 -2.43
N THR A 224 -15.40 -5.23 -3.31
CA THR A 224 -15.09 -3.84 -3.30
C THR A 224 -15.87 -3.10 -4.40
N ASN A 225 -16.30 -1.88 -4.07
CA ASN A 225 -16.91 -0.90 -4.99
C ASN A 225 -16.09 0.39 -4.87
N PHE A 226 -15.26 0.65 -5.87
CA PHE A 226 -14.28 1.72 -5.79
C PHE A 226 -14.88 3.06 -5.59
N THR A 227 -15.95 3.43 -6.32
CA THR A 227 -16.59 4.76 -6.10
C THR A 227 -17.30 4.85 -4.82
N LEU A 228 -17.96 3.77 -4.43
CA LEU A 228 -18.66 3.81 -3.14
C LEU A 228 -17.70 4.06 -2.03
N ASN A 229 -16.62 3.29 -1.96
CA ASN A 229 -15.68 3.43 -0.87
C ASN A 229 -14.96 4.76 -0.86
N LEU A 230 -14.68 5.31 -2.06
CA LEU A 230 -13.93 6.54 -2.16
C LEU A 230 -14.73 7.68 -1.65
N GLY A 231 -16.02 7.53 -1.62
CA GLY A 231 -16.91 8.57 -1.06
C GLY A 231 -16.91 8.71 0.47
N VAL A 232 -16.29 7.81 1.18
CA VAL A 232 -16.16 7.84 2.57
C VAL A 232 -15.41 9.08 3.01
N ASP A 233 -16.02 9.87 3.95
CA ASP A 233 -15.37 11.11 4.26
C ASP A 233 -14.07 11.08 4.94
N THR A 234 -13.79 9.95 5.58
CA THR A 234 -12.59 9.68 6.33
C THR A 234 -11.50 8.93 5.48
N ILE A 235 -11.70 8.82 4.18
CA ILE A 235 -10.70 8.33 3.21
C ILE A 235 -10.32 9.51 2.37
N ASP A 236 -9.05 9.80 2.20
CA ASP A 236 -8.57 11.00 1.56
C ASP A 236 -8.22 10.78 0.09
N PHE A 237 -7.95 9.55 -0.35
CA PHE A 237 -7.51 9.32 -1.71
C PHE A 237 -7.77 7.86 -2.04
N GLY A 238 -7.88 7.59 -3.31
CA GLY A 238 -8.13 6.23 -3.80
C GLY A 238 -6.84 5.50 -4.10
N THR A 239 -6.87 4.18 -4.06
CA THR A 239 -5.78 3.32 -4.47
C THR A 239 -6.24 2.32 -5.51
N PHE A 240 -5.39 1.98 -6.46
CA PHE A 240 -5.68 0.85 -7.34
C PHE A 240 -4.40 0.26 -7.80
N HIS A 241 -4.45 -1.01 -8.13
CA HIS A 241 -3.31 -1.82 -8.50
C HIS A 241 -3.51 -2.37 -9.88
N LEU A 242 -2.53 -3.04 -10.46
CA LEU A 242 -2.61 -3.47 -11.85
C LEU A 242 -1.69 -4.60 -12.17
N TYR A 243 -2.26 -5.73 -12.50
CA TYR A 243 -1.59 -7.01 -12.89
C TYR A 243 -2.30 -7.78 -13.98
N PRO A 244 -2.22 -7.32 -15.26
CA PRO A 244 -3.12 -7.90 -16.27
C PRO A 244 -3.03 -9.42 -16.34
N SER A 245 -1.87 -9.98 -16.49
CA SER A 245 -1.82 -11.42 -16.68
C SER A 245 -2.33 -12.20 -15.50
N SER A 246 -2.08 -11.75 -14.27
CA SER A 246 -2.61 -12.36 -13.11
C SER A 246 -4.13 -12.33 -13.04
N TRP A 247 -4.69 -11.29 -13.69
CA TRP A 247 -6.07 -11.03 -13.69
C TRP A 247 -6.84 -11.59 -14.86
N GLY A 248 -6.14 -12.25 -15.75
CA GLY A 248 -6.79 -12.82 -16.91
C GLY A 248 -7.08 -11.91 -18.05
N VAL A 249 -6.42 -10.74 -18.11
CA VAL A 249 -6.62 -9.73 -19.17
C VAL A 249 -5.31 -9.37 -19.89
N SER A 250 -5.40 -8.73 -21.05
CA SER A 250 -4.23 -8.34 -21.74
C SER A 250 -3.60 -7.10 -21.17
N ASN A 251 -2.34 -6.91 -21.44
CA ASN A 251 -1.68 -5.62 -21.01
C ASN A 251 -2.33 -4.39 -21.58
N SER A 252 -3.07 -4.52 -22.73
CA SER A 252 -3.79 -3.40 -23.29
C SER A 252 -4.90 -2.90 -22.39
N PHE A 253 -5.31 -3.68 -21.37
CA PHE A 253 -6.28 -3.24 -20.40
C PHE A 253 -5.69 -2.21 -19.45
N GLY A 254 -4.37 -2.14 -19.35
CA GLY A 254 -3.77 -1.35 -18.27
C GLY A 254 -3.95 0.13 -18.35
N SER A 255 -3.61 0.75 -19.51
CA SER A 255 -3.80 2.16 -19.62
C SER A 255 -5.27 2.56 -19.44
N PRO A 256 -6.23 1.82 -20.04
CA PRO A 256 -7.63 2.15 -19.80
C PRO A 256 -8.09 1.98 -18.38
N TRP A 257 -7.46 1.06 -17.68
CA TRP A 257 -7.70 0.90 -16.20
C TRP A 257 -7.27 2.12 -15.44
N VAL A 258 -6.13 2.72 -15.80
CA VAL A 258 -5.66 3.95 -15.20
C VAL A 258 -6.61 5.12 -15.52
N THR A 259 -7.01 5.24 -16.79
CA THR A 259 -7.96 6.26 -17.24
C THR A 259 -9.26 6.16 -16.49
N ALA A 260 -9.81 4.95 -16.29
CA ALA A 260 -11.10 4.74 -15.64
C ALA A 260 -10.99 5.14 -14.14
N HIS A 261 -9.92 4.70 -13.43
CA HIS A 261 -9.74 5.10 -12.04
C HIS A 261 -9.53 6.57 -11.87
N GLY A 262 -8.72 7.16 -12.74
CA GLY A 262 -8.56 8.62 -12.66
C GLY A 262 -9.91 9.32 -12.80
N ALA A 263 -10.76 8.88 -13.72
CA ALA A 263 -12.07 9.50 -13.85
C ALA A 263 -12.90 9.36 -12.59
N ALA A 264 -12.83 8.17 -11.96
CA ALA A 264 -13.55 7.92 -10.71
C ALA A 264 -13.04 8.81 -9.59
N CYS A 265 -11.72 8.94 -9.47
CA CYS A 265 -11.12 9.84 -8.49
C CYS A 265 -11.57 11.27 -8.72
N ALA A 266 -11.45 11.70 -9.95
CA ALA A 266 -11.95 13.06 -10.25
C ALA A 266 -13.39 13.29 -9.84
N ALA A 267 -14.25 12.30 -10.11
CA ALA A 267 -15.66 12.36 -9.75
C ALA A 267 -15.89 12.47 -8.29
N ALA A 268 -15.04 11.81 -7.52
CA ALA A 268 -15.08 11.88 -6.06
C ALA A 268 -14.44 13.14 -5.50
N GLY A 269 -13.73 13.88 -6.31
CA GLY A 269 -13.00 15.02 -5.84
C GLY A 269 -11.79 14.73 -4.99
N LYS A 270 -11.16 13.61 -5.25
CA LYS A 270 -10.00 13.14 -4.47
C LYS A 270 -8.93 12.60 -5.39
N PRO A 271 -7.65 12.73 -5.02
CA PRO A 271 -6.60 12.08 -5.84
C PRO A 271 -6.64 10.58 -5.80
N CYS A 272 -6.09 10.00 -6.83
CA CYS A 272 -5.82 8.53 -6.90
C CYS A 272 -4.31 8.36 -6.81
N LEU A 273 -3.92 7.28 -6.12
CA LEU A 273 -2.58 6.71 -6.14
C LEU A 273 -2.65 5.38 -6.96
N PHE A 274 -1.86 5.34 -8.01
CA PHE A 274 -1.68 4.12 -8.85
C PHE A 274 -0.60 3.35 -8.11
N GLU A 275 -1.05 2.52 -7.13
CA GLU A 275 -0.24 2.15 -5.98
C GLU A 275 0.60 0.85 -6.16
N GLU A 276 0.19 0.01 -7.10
CA GLU A 276 1.06 -1.14 -7.50
C GLU A 276 0.79 -1.37 -8.99
N TYR A 277 1.86 -1.75 -9.67
CA TYR A 277 1.75 -2.25 -11.05
C TYR A 277 3.01 -2.97 -11.35
N GLY A 278 2.91 -3.97 -12.24
CA GLY A 278 4.11 -4.76 -12.61
C GLY A 278 3.78 -5.79 -13.65
N VAL A 279 4.86 -6.07 -14.40
CA VAL A 279 4.93 -7.24 -15.32
C VAL A 279 6.27 -7.88 -15.03
N THR A 280 6.42 -9.12 -15.53
CA THR A 280 7.67 -9.84 -15.30
C THR A 280 8.62 -9.81 -16.49
N SER A 281 8.16 -9.36 -17.61
CA SER A 281 9.06 -9.11 -18.77
C SER A 281 8.59 -7.93 -19.57
N ASP A 282 9.44 -7.42 -20.43
CA ASP A 282 9.17 -6.25 -21.30
C ASP A 282 8.67 -5.06 -20.40
N LYS A 283 9.34 -4.98 -19.24
CA LYS A 283 8.92 -3.93 -18.25
C LYS A 283 9.03 -2.56 -18.70
N CYS A 284 10.16 -2.16 -19.32
CA CYS A 284 10.35 -0.81 -19.73
C CYS A 284 9.25 -0.28 -20.64
N SER A 285 8.96 -1.08 -21.69
CA SER A 285 7.91 -0.76 -22.61
C SER A 285 6.51 -0.75 -21.98
N VAL A 286 6.17 -1.85 -21.35
CA VAL A 286 4.82 -2.00 -20.86
C VAL A 286 4.54 -1.08 -19.69
N GLU A 287 5.41 -1.08 -18.66
CA GLU A 287 5.19 -0.19 -17.54
C GLU A 287 5.38 1.21 -17.92
N GLY A 288 6.28 1.52 -18.86
CA GLY A 288 6.47 2.88 -19.29
C GLY A 288 5.20 3.46 -19.89
N GLY A 289 4.49 2.64 -20.66
CA GLY A 289 3.21 3.06 -21.22
C GLY A 289 2.22 3.45 -20.13
N TRP A 290 2.09 2.58 -19.13
CA TRP A 290 1.23 2.83 -18.01
C TRP A 290 1.61 4.14 -17.27
N GLN A 291 2.89 4.30 -17.02
CA GLN A 291 3.42 5.49 -16.37
C GLN A 291 3.03 6.76 -17.13
N GLN A 292 3.17 6.72 -18.47
CA GLN A 292 2.78 7.89 -19.23
C GLN A 292 1.29 8.18 -19.11
N THR A 293 0.44 7.12 -19.18
CA THR A 293 -0.96 7.34 -18.93
C THR A 293 -1.19 7.95 -17.62
N ALA A 294 -0.56 7.46 -16.57
CA ALA A 294 -0.78 8.04 -15.26
C ALA A 294 -0.43 9.52 -15.24
N LEU A 295 0.67 9.91 -15.82
CA LEU A 295 1.01 11.37 -15.84
C LEU A 295 -0.04 12.13 -16.60
N ASP A 296 -0.61 11.57 -17.66
CA ASP A 296 -1.52 12.26 -18.56
C ASP A 296 -2.93 12.26 -18.03
N THR A 297 -3.28 11.50 -16.97
CA THR A 297 -4.66 11.32 -16.59
C THR A 297 -5.06 12.18 -15.44
N ARG A 298 -6.06 13.02 -15.59
CA ARG A 298 -6.63 13.79 -14.48
C ARG A 298 -7.14 12.93 -13.38
N GLY A 299 -6.73 13.27 -12.17
CA GLY A 299 -7.13 12.51 -10.97
C GLY A 299 -6.05 11.52 -10.52
N ILE A 300 -5.07 11.19 -11.36
CA ILE A 300 -3.94 10.34 -10.92
C ILE A 300 -2.91 11.27 -10.37
N GLY A 301 -2.68 11.21 -9.05
CA GLY A 301 -1.78 12.13 -8.39
C GLY A 301 -0.39 11.64 -8.13
N ALA A 302 -0.18 10.31 -8.22
CA ALA A 302 1.11 9.70 -7.86
C ALA A 302 1.00 8.24 -8.37
N ASP A 303 2.16 7.64 -8.45
CA ASP A 303 2.24 6.19 -8.77
C ASP A 303 3.41 5.56 -8.09
N SER A 304 3.28 4.26 -7.84
CA SER A 304 4.36 3.53 -7.22
C SER A 304 4.44 2.13 -7.79
N PHE A 305 5.48 1.86 -8.52
CA PHE A 305 5.67 0.53 -9.12
C PHE A 305 5.88 -0.56 -8.11
N TRP A 306 5.49 -1.80 -8.43
CA TRP A 306 5.80 -2.98 -7.62
C TRP A 306 6.93 -3.71 -8.34
N GLN A 307 8.15 -3.78 -7.82
CA GLN A 307 8.57 -3.30 -6.52
C GLN A 307 10.01 -2.88 -6.63
N PHE A 308 10.50 -2.12 -5.65
CA PHE A 308 11.88 -1.72 -5.51
C PHE A 308 12.75 -2.93 -5.28
N GLY A 309 13.94 -2.91 -5.86
CA GLY A 309 14.99 -3.84 -5.56
C GLY A 309 16.31 -3.20 -5.27
N ASP A 310 17.14 -3.77 -4.42
CA ASP A 310 18.46 -3.24 -4.16
C ASP A 310 19.37 -4.35 -3.68
N THR A 311 20.65 -4.04 -3.61
CA THR A 311 21.68 -4.94 -3.10
C THR A 311 21.89 -4.62 -1.63
N LEU A 312 21.61 -5.54 -0.71
CA LEU A 312 21.70 -5.36 0.69
C LEU A 312 22.93 -6.15 1.23
N SER A 313 23.30 -5.92 2.49
CA SER A 313 24.41 -6.68 3.05
C SER A 313 24.06 -8.13 3.12
N THR A 314 22.78 -8.46 3.18
CA THR A 314 22.22 -9.82 3.32
C THR A 314 22.02 -10.46 1.95
N GLY A 315 22.36 -9.82 0.82
CA GLY A 315 22.03 -10.30 -0.49
C GLY A 315 21.08 -9.38 -1.27
N GLN A 316 20.69 -9.77 -2.46
CA GLN A 316 19.66 -9.01 -3.22
C GLN A 316 18.39 -9.03 -2.40
N SER A 317 17.66 -7.90 -2.39
CA SER A 317 16.33 -7.87 -1.88
C SER A 317 15.40 -8.76 -2.68
N PRO A 318 14.18 -9.02 -2.23
CA PRO A 318 13.34 -10.08 -2.86
C PRO A 318 13.05 -9.87 -4.29
N ASN A 319 13.16 -10.95 -5.08
CA ASN A 319 12.78 -11.01 -6.47
C ASN A 319 11.62 -11.92 -6.68
N ASP A 320 10.47 -11.30 -7.01
CA ASP A 320 9.23 -12.04 -7.31
C ASP A 320 8.97 -11.96 -8.79
N GLY A 321 9.89 -11.58 -9.62
CA GLY A 321 9.75 -11.40 -11.04
C GLY A 321 9.35 -10.02 -11.45
N TYR A 322 8.65 -9.29 -10.56
CA TYR A 322 8.34 -7.90 -10.79
C TYR A 322 9.46 -6.96 -10.37
N THR A 323 10.28 -7.32 -9.45
CA THR A 323 11.33 -6.44 -8.86
C THR A 323 12.17 -5.75 -9.91
N ILE A 324 12.32 -4.44 -9.73
CA ILE A 324 13.17 -3.61 -10.60
C ILE A 324 14.33 -3.14 -9.73
N TYR A 325 15.54 -3.66 -10.00
CA TYR A 325 16.67 -3.40 -9.14
C TYR A 325 17.45 -2.14 -9.45
N TYR A 326 17.78 -1.36 -8.42
CA TYR A 326 18.63 -0.21 -8.55
C TYR A 326 19.87 -0.61 -9.32
N GLY A 327 20.22 0.26 -10.25
CA GLY A 327 21.43 0.02 -11.06
C GLY A 327 21.24 -0.74 -12.33
N THR A 328 20.04 -1.19 -12.65
CA THR A 328 19.78 -1.94 -13.83
C THR A 328 19.14 -1.06 -14.90
N ASP A 329 19.10 -1.54 -16.17
CA ASP A 329 18.54 -0.76 -17.21
C ASP A 329 17.02 -0.49 -17.00
N ASP A 330 16.27 -1.46 -16.48
CA ASP A 330 14.88 -1.26 -16.26
C ASP A 330 14.68 -0.17 -15.21
N TYR A 331 15.58 -0.08 -14.25
CA TYR A 331 15.50 0.98 -13.23
C TYR A 331 15.79 2.34 -13.83
N THR A 332 16.75 2.42 -14.76
CA THR A 332 16.93 3.64 -15.45
C THR A 332 15.74 4.04 -16.26
N CYS A 333 15.13 3.10 -16.95
CA CYS A 333 14.00 3.38 -17.74
C CYS A 333 12.78 3.85 -16.97
N LEU A 334 12.48 3.10 -15.87
CA LEU A 334 11.23 3.29 -15.14
C LEU A 334 11.30 4.14 -13.89
N VAL A 335 12.53 4.51 -13.53
CA VAL A 335 12.76 5.31 -12.33
C VAL A 335 13.54 6.57 -12.64
N THR A 336 14.83 6.43 -12.95
CA THR A 336 15.66 7.61 -12.99
C THR A 336 15.41 8.44 -14.17
N ASP A 337 15.25 7.86 -15.37
CA ASP A 337 14.82 8.63 -16.47
C ASP A 337 13.48 9.21 -16.28
N ARG A 338 12.54 8.39 -15.78
CA ARG A 338 11.19 8.74 -15.66
C ARG A 338 11.00 9.86 -14.73
N VAL A 339 11.54 9.76 -13.50
CA VAL A 339 11.37 10.83 -12.51
C VAL A 339 11.92 12.18 -12.98
N ALA A 340 13.10 12.15 -13.59
CA ALA A 340 13.75 13.38 -14.19
C ALA A 340 12.93 14.08 -15.16
N SER A 341 12.08 13.34 -15.87
CA SER A 341 11.21 13.86 -17.00
C SER A 341 9.86 14.37 -16.50
N ILE A 342 9.54 14.16 -15.23
CA ILE A 342 8.23 14.54 -14.74
C ILE A 342 8.28 16.10 -14.71
#